data_3BEB
#
_entry.id   3BEB
#
_cell.length_a   109.200
_cell.length_b   50.400
_cell.length_c   84.700
_cell.angle_alpha   90.00
_cell.angle_beta   120.80
_cell.angle_gamma   90.00
#
_symmetry.space_group_name_H-M   'C 1 2 1'
#
loop_
_entity.id
_entity.type
_entity.pdbx_description
1 polymer 'Penicillin-binding protein 5'
2 non-polymer '(2R,4S)-2-[(1R)-1-{[(6S)-6-amino-6-carboxyhexanoyl]amino}-2-oxoethyl]-5,5-dimethyl-1,3-thiazolidine-4-carboxylic acid'
3 non-polymer GLYCEROL
4 water water
#
_entity_poly.entity_id   1
_entity_poly.type   'polypeptide(L)'
_entity_poly.pdbx_seq_one_letter_code
;DDLNIKTMIPGVPQIDAESYILIDYNSGKVLAEQNADVRRDPASLTKMMTSYVIGQAMKAGKFKETDLVTIGNDAWATGN
PVFKGSSLMFLKPGMQVPVSQLIRGINLQSGNDACVAMADFAAGSQDAFVGLMNSYVNALGLKNTHFQTVHGLDADGQYS
SARDMALIGQALIRDVPNEYSIYKEKEFTFNGIRQLNRNGLLWDNSLNVDGIKTGHTDKAGYNLVASATEGQMRLISAVM
GGRTFKGREAESKKLLTWGFRFFETVNPLKVGKEFASEPVWFGDSDRASLGVDKDVYLTIPRGRMKDLKASYVLNSSELH
APLQKNQVVGTINFQLDGKTIEQRPLVVLQEIPEGNFGDPVID
;
_entity_poly.pdbx_strand_id   A
#
loop_
_chem_comp.id
_chem_comp.type
_chem_comp.name
_chem_comp.formula
GOL non-polymer GLYCEROL 'C3 H8 O3'
HJ3 non-polymer '(2R,4S)-2-[(1R)-1-{[(6S)-6-amino-6-carboxyhexanoyl]amino}-2-oxoethyl]-5,5-dimethyl-1,3-thiazolidine-4-carboxylic acid' 'C15 H25 N3 O6 S'
#
# COMPACT_ATOMS: atom_id res chain seq x y z
N ASN A 4 3.26 -30.64 16.73
CA ASN A 4 2.71 -29.44 17.42
C ASN A 4 3.55 -28.21 17.11
N ILE A 5 4.85 -28.40 16.95
CA ILE A 5 5.78 -27.36 16.55
C ILE A 5 5.60 -27.00 15.06
N LYS A 6 5.45 -27.99 14.20
CA LYS A 6 5.19 -27.74 12.79
C LYS A 6 3.92 -26.90 12.60
N THR A 7 2.84 -27.32 13.27
CA THR A 7 1.53 -26.74 13.09
C THR A 7 1.16 -25.68 14.13
N MET A 8 2.16 -25.20 14.86
CA MET A 8 1.99 -24.09 15.82
C MET A 8 1.40 -22.86 15.16
N ILE A 9 0.52 -22.17 15.88
CA ILE A 9 0.08 -20.84 15.50
C ILE A 9 0.66 -19.86 16.53
N PRO A 10 1.50 -18.90 16.08
CA PRO A 10 2.17 -17.96 16.99
C PRO A 10 1.16 -17.05 17.65
N GLY A 11 1.38 -16.76 18.93
CA GLY A 11 0.52 -15.81 19.62
C GLY A 11 0.93 -14.45 19.14
N VAL A 12 -0.03 -13.54 19.03
CA VAL A 12 0.26 -12.17 18.65
C VAL A 12 0.64 -11.40 19.93
N PRO A 13 1.68 -10.55 19.86
CA PRO A 13 1.98 -9.73 21.04
C PRO A 13 0.92 -8.66 21.35
N GLN A 14 0.95 -8.14 22.60
CA GLN A 14 0.09 -7.02 22.99
C GLN A 14 0.57 -5.75 22.30
N ILE A 15 -0.37 -5.02 21.72
CA ILE A 15 -0.04 -3.79 21.03
C ILE A 15 -0.85 -2.72 21.70
N ASP A 16 -0.18 -1.66 22.15
CA ASP A 16 -0.79 -0.59 22.91
C ASP A 16 -1.15 0.50 21.91
N ALA A 17 -2.30 0.31 21.30
CA ALA A 17 -2.84 1.18 20.28
C ALA A 17 -4.26 0.73 20.16
N GLU A 18 -5.12 1.61 19.67
CA GLU A 18 -6.53 1.32 19.53
C GLU A 18 -6.84 0.36 18.38
N SER A 19 -5.99 0.39 17.36
CA SER A 19 -6.15 -0.44 16.17
C SER A 19 -4.79 -0.71 15.58
N TYR A 20 -4.68 -1.87 14.92
CA TYR A 20 -3.52 -2.20 14.11
C TYR A 20 -3.88 -3.29 13.10
N ILE A 21 -3.09 -3.37 12.02
CA ILE A 21 -3.10 -4.47 11.10
C ILE A 21 -1.65 -4.73 10.67
N LEU A 22 -1.38 -5.95 10.23
CA LEU A 22 -0.10 -6.29 9.68
C LEU A 22 -0.37 -7.19 8.47
N ILE A 23 -0.02 -6.69 7.29
CA ILE A 23 -0.24 -7.41 6.04
C ILE A 23 1.08 -7.71 5.31
N ASP A 24 1.04 -8.73 4.47
CA ASP A 24 2.14 -9.06 3.56
C ASP A 24 1.83 -8.23 2.36
N TYR A 25 2.82 -7.50 1.86
CA TYR A 25 2.60 -6.64 0.71
C TYR A 25 2.33 -7.40 -0.59
N ASN A 26 3.07 -8.48 -0.84
CA ASN A 26 2.86 -9.19 -2.09
C ASN A 26 1.55 -9.99 -2.13
N SER A 27 1.29 -10.73 -1.06
CA SER A 27 0.12 -11.59 -1.02
C SER A 27 -1.14 -10.92 -0.50
N GLY A 28 -0.98 -9.85 0.27
CA GLY A 28 -2.14 -9.16 0.84
C GLY A 28 -2.74 -9.87 2.03
N LYS A 29 -2.09 -10.96 2.42
CA LYS A 29 -2.42 -11.75 3.62
C LYS A 29 -2.32 -10.92 4.91
N VAL A 30 -3.39 -10.95 5.71
CA VAL A 30 -3.44 -10.35 7.03
C VAL A 30 -2.88 -11.33 8.06
N LEU A 31 -1.80 -10.92 8.70
CA LEU A 31 -1.06 -11.81 9.59
C LEU A 31 -1.56 -11.58 10.99
N ALA A 32 -2.00 -10.34 11.26
CA ALA A 32 -2.48 -9.94 12.58
C ALA A 32 -3.32 -8.65 12.48
N GLU A 33 -4.40 -8.57 13.28
CA GLU A 33 -5.31 -7.42 13.24
C GLU A 33 -6.10 -7.21 14.53
N GLN A 34 -6.32 -5.95 14.91
CA GLN A 34 -7.25 -5.64 15.99
C GLN A 34 -7.98 -4.35 15.66
N ASN A 35 -9.32 -4.42 15.55
CA ASN A 35 -10.14 -3.25 15.30
C ASN A 35 -9.76 -2.52 14.01
N ALA A 36 -9.46 -3.30 12.97
CA ALA A 36 -8.80 -2.74 11.77
C ALA A 36 -9.72 -2.06 10.77
N ASP A 37 -11.03 -2.06 11.06
CA ASP A 37 -12.02 -1.38 10.23
C ASP A 37 -12.71 -0.24 10.95
N VAL A 38 -12.55 -0.17 12.28
CA VAL A 38 -13.11 0.93 13.06
C VAL A 38 -12.64 2.22 12.46
N ARG A 39 -13.57 3.14 12.24
CA ARG A 39 -13.26 4.46 11.72
C ARG A 39 -12.61 5.39 12.74
N ARG A 40 -11.48 5.96 12.32
CA ARG A 40 -10.64 6.72 13.21
C ARG A 40 -10.13 7.92 12.42
N ASP A 41 -9.80 8.99 13.14
CA ASP A 41 -9.17 10.18 12.60
C ASP A 41 -7.78 9.77 12.10
N PRO A 42 -7.53 9.95 10.79
CA PRO A 42 -6.20 9.57 10.28
C PRO A 42 -5.10 10.62 10.48
N ALA A 43 -5.42 11.78 11.06
CA ALA A 43 -4.39 12.83 11.23
C ALA A 43 -3.59 12.99 9.92
N SER A 44 -2.26 13.02 10.03
CA SER A 44 -1.34 13.20 8.90
C SER A 44 -1.29 12.02 7.94
N LEU A 45 -1.81 10.88 8.34
CA LEU A 45 -1.86 9.75 7.42
C LEU A 45 -2.68 10.12 6.16
N THR A 46 -3.49 11.18 6.25
CA THR A 46 -4.25 11.66 5.08
C THR A 46 -3.35 12.01 3.92
N LYS A 47 -2.17 12.60 4.19
CA LYS A 47 -1.14 12.92 3.15
C LYS A 47 -0.52 11.73 2.39
N MET A 48 -0.86 10.51 2.78
CA MET A 48 -0.49 9.33 1.98
C MET A 48 -1.33 9.25 0.72
N MET A 49 -2.55 9.78 0.79
CA MET A 49 -3.44 9.77 -0.37
C MET A 49 -3.16 10.97 -1.23
N THR A 50 -2.83 12.08 -0.59
CA THR A 50 -2.31 13.25 -1.26
C THR A 50 -1.10 12.87 -2.11
N SER A 51 -0.15 12.21 -1.47
CA SER A 51 1.01 11.66 -2.12
C SER A 51 0.67 10.73 -3.29
N TYR A 52 -0.36 9.91 -3.12
CA TYR A 52 -0.74 8.88 -4.10
C TYR A 52 -1.31 9.49 -5.37
N VAL A 53 -2.15 10.51 -5.20
CA VAL A 53 -2.72 11.25 -6.32
C VAL A 53 -1.61 11.92 -7.10
N ILE A 54 -0.76 12.70 -6.42
CA ILE A 54 0.41 13.34 -7.03
C ILE A 54 1.23 12.34 -7.81
N GLY A 55 1.59 11.22 -7.20
CA GLY A 55 2.38 10.19 -7.87
C GLY A 55 1.67 9.54 -9.04
N GLN A 56 0.34 9.42 -8.97
CA GLN A 56 -0.44 8.96 -10.11
C GLN A 56 -0.47 9.97 -11.25
N ALA A 57 -0.46 11.26 -10.90
CA ALA A 57 -0.33 12.32 -11.90
C ALA A 57 1.05 12.34 -12.57
N MET A 58 2.13 12.23 -11.78
CA MET A 58 3.48 12.20 -12.34
C MET A 58 3.75 10.96 -13.20
N LYS A 59 3.19 9.81 -12.80
CA LYS A 59 3.23 8.58 -13.58
C LYS A 59 2.51 8.69 -14.92
N ALA A 60 1.50 9.56 -15.00
CA ALA A 60 0.77 9.79 -16.26
C ALA A 60 1.42 10.90 -17.08
N GLY A 61 2.56 11.42 -16.59
CA GLY A 61 3.35 12.42 -17.29
C GLY A 61 2.81 13.83 -17.24
N LYS A 62 1.88 14.09 -16.33
CA LYS A 62 1.23 15.39 -16.25
C LYS A 62 2.23 16.47 -15.85
N PHE A 63 3.21 16.13 -15.00
CA PHE A 63 4.27 17.06 -14.64
C PHE A 63 5.52 16.35 -14.11
N LYS A 64 6.59 17.13 -13.90
CA LYS A 64 7.93 16.60 -13.59
C LYS A 64 8.46 17.17 -12.29
N GLU A 65 9.38 16.47 -11.63
CA GLU A 65 10.00 16.92 -10.37
C GLU A 65 10.61 18.32 -10.49
N THR A 66 11.11 18.65 -11.68
CA THR A 66 11.81 19.92 -11.93
C THR A 66 10.89 21.07 -12.34
N ASP A 67 9.62 20.78 -12.63
CA ASP A 67 8.64 21.83 -12.89
C ASP A 67 8.47 22.77 -11.71
N LEU A 68 8.29 24.05 -12.01
CA LEU A 68 8.16 25.06 -10.96
C LEU A 68 6.70 25.32 -10.64
N VAL A 69 6.36 25.16 -9.37
CA VAL A 69 5.02 25.44 -8.87
C VAL A 69 5.05 26.80 -8.21
N THR A 70 4.14 27.68 -8.65
CA THR A 70 4.02 29.03 -8.13
C THR A 70 3.00 28.99 -6.98
N ILE A 71 3.40 29.55 -5.85
CA ILE A 71 2.63 29.44 -4.62
C ILE A 71 1.56 30.53 -4.60
N GLY A 72 0.32 30.14 -4.36
CA GLY A 72 -0.77 31.12 -4.24
C GLY A 72 -1.10 31.49 -2.80
N ASN A 73 -1.98 32.47 -2.64
CA ASN A 73 -2.48 32.87 -1.32
C ASN A 73 -3.02 31.76 -0.44
N ASP A 74 -3.56 30.71 -1.05
CA ASP A 74 -4.18 29.64 -0.27
C ASP A 74 -3.14 28.75 0.39
N ALA A 75 -1.92 28.76 -0.18
CA ALA A 75 -0.80 27.95 0.32
C ALA A 75 0.21 28.82 1.07
N TRP A 76 -0.26 29.95 1.55
CA TRP A 76 0.56 30.86 2.33
C TRP A 76 0.45 30.44 3.79
N ALA A 77 1.54 29.86 4.29
CA ALA A 77 1.57 29.25 5.61
C ALA A 77 1.08 30.20 6.70
N THR A 78 1.58 31.44 6.68
CA THR A 78 1.26 32.41 7.75
C THR A 78 0.17 33.40 7.32
N GLY A 79 -0.52 33.04 6.25
CA GLY A 79 -1.63 33.81 5.77
C GLY A 79 -2.92 33.09 6.03
N ASN A 80 -2.83 31.90 6.61
CA ASN A 80 -3.99 31.02 6.82
C ASN A 80 -3.97 30.38 8.23
N PRO A 81 -4.66 30.97 9.21
CA PRO A 81 -4.59 30.43 10.58
C PRO A 81 -5.04 28.99 10.76
N VAL A 82 -5.61 28.38 9.70
CA VAL A 82 -5.96 26.95 9.71
C VAL A 82 -4.70 26.12 9.88
N PHE A 83 -3.59 26.68 9.40
CA PHE A 83 -2.25 26.06 9.51
C PHE A 83 -1.59 26.19 10.88
N LYS A 84 -2.21 26.92 11.82
CA LYS A 84 -1.64 27.15 13.18
C LYS A 84 -1.29 25.86 13.95
N GLY A 85 -0.04 25.73 14.34
CA GLY A 85 0.46 24.59 15.11
C GLY A 85 0.91 23.40 14.26
N SER A 86 0.63 23.45 12.96
CA SER A 86 0.85 22.31 12.06
C SER A 86 2.20 22.36 11.35
N SER A 87 2.61 21.21 10.82
CA SER A 87 3.87 21.11 10.10
C SER A 87 3.71 21.95 8.85
N LEU A 88 4.74 22.72 8.52
CA LEU A 88 4.70 23.70 7.44
C LEU A 88 6.07 23.85 6.73
N MET A 89 6.07 24.14 5.44
CA MET A 89 7.30 24.52 4.72
C MET A 89 7.57 26.02 4.86
N PHE A 90 6.54 26.75 5.22
CA PHE A 90 6.55 28.22 5.28
C PHE A 90 6.63 28.84 3.90
N LEU A 91 5.70 28.39 3.05
CA LEU A 91 5.58 28.92 1.73
C LEU A 91 4.96 30.30 1.82
N LYS A 92 5.39 31.19 0.94
CA LYS A 92 4.80 32.51 0.75
C LYS A 92 4.33 32.62 -0.71
N PRO A 93 3.28 33.42 -0.99
CA PRO A 93 2.81 33.59 -2.38
C PRO A 93 3.89 34.07 -3.37
N GLY A 94 3.72 33.71 -4.64
CA GLY A 94 4.64 34.13 -5.67
C GLY A 94 6.01 33.48 -5.61
N MET A 95 6.22 32.60 -4.62
CA MET A 95 7.38 31.70 -4.61
C MET A 95 7.22 30.71 -5.76
N GLN A 96 8.35 30.24 -6.29
CA GLN A 96 8.35 29.26 -7.37
C GLN A 96 9.23 28.09 -6.95
N VAL A 97 8.57 27.04 -6.48
CA VAL A 97 9.24 25.89 -5.91
C VAL A 97 9.20 24.71 -6.89
N PRO A 98 10.35 24.03 -7.06
CA PRO A 98 10.35 22.82 -7.87
C PRO A 98 9.34 21.85 -7.31
N VAL A 99 8.70 21.03 -8.16
CA VAL A 99 7.82 19.97 -7.63
C VAL A 99 8.58 19.07 -6.64
N SER A 100 9.83 18.76 -6.98
CA SER A 100 10.67 17.85 -6.18
C SER A 100 10.74 18.29 -4.72
N GLN A 101 10.92 19.58 -4.50
CA GLN A 101 10.92 20.16 -3.16
C GLN A 101 9.55 20.15 -2.47
N LEU A 102 8.46 20.38 -3.19
CA LEU A 102 7.12 20.38 -2.55
C LEU A 102 6.62 19.00 -2.13
N ILE A 103 6.91 17.99 -2.93
CA ILE A 103 6.44 16.65 -2.62
C ILE A 103 7.30 15.98 -1.58
N ARG A 104 8.44 16.60 -1.27
CA ARG A 104 9.30 16.14 -0.20
C ARG A 104 8.80 16.78 1.07
N GLY A 105 8.42 18.06 1.00
CA GLY A 105 7.71 18.69 2.08
C GLY A 105 6.52 17.88 2.56
N ILE A 106 5.71 17.39 1.62
CA ILE A 106 4.52 16.60 1.95
C ILE A 106 4.91 15.29 2.60
N ASN A 107 5.83 14.58 1.95
CA ASN A 107 6.16 13.21 2.31
C ASN A 107 7.03 13.10 3.53
N LEU A 108 8.20 13.71 3.46
CA LEU A 108 9.16 13.74 4.58
C LEU A 108 8.64 14.54 5.78
N GLN A 109 8.06 15.70 5.50
CA GLN A 109 7.74 16.69 6.52
C GLN A 109 6.25 16.84 6.81
N SER A 110 5.39 16.29 5.96
CA SER A 110 3.94 16.48 6.08
C SER A 110 3.54 17.98 6.11
N GLY A 111 4.29 18.83 5.42
CA GLY A 111 3.99 20.25 5.31
C GLY A 111 2.66 20.44 4.65
N ASN A 112 1.71 21.04 5.38
CA ASN A 112 0.34 21.20 4.92
C ASN A 112 0.21 22.28 3.90
N ASP A 113 1.05 23.29 4.01
CA ASP A 113 1.07 24.36 3.03
C ASP A 113 1.49 23.81 1.67
N ALA A 114 2.43 22.87 1.66
CA ALA A 114 2.87 22.25 0.43
C ALA A 114 1.75 21.39 -0.23
N CYS A 115 0.76 21.03 0.57
CA CYS A 115 -0.35 20.18 0.12
C CYS A 115 -1.30 20.95 -0.76
N VAL A 116 -1.53 22.20 -0.37
CA VAL A 116 -2.42 23.10 -1.10
C VAL A 116 -1.76 23.51 -2.38
N ALA A 117 -0.43 23.70 -2.34
CA ALA A 117 0.33 24.14 -3.51
C ALA A 117 0.27 23.09 -4.62
N MET A 118 0.36 21.84 -4.20
CA MET A 118 0.43 20.70 -5.08
C MET A 118 -0.93 20.26 -5.62
N ALA A 119 -1.98 20.39 -4.80
CA ALA A 119 -3.38 20.18 -5.18
C ALA A 119 -3.88 21.12 -6.27
N ASP A 120 -3.59 22.42 -6.14
CA ASP A 120 -3.99 23.41 -7.16
C ASP A 120 -3.15 23.24 -8.40
N PHE A 121 -1.96 22.68 -8.26
CA PHE A 121 -1.06 22.48 -9.38
C PHE A 121 -1.47 21.26 -10.22
N ALA A 122 -1.75 20.14 -9.54
CA ALA A 122 -2.17 18.89 -10.19
C ALA A 122 -3.64 18.88 -10.56
N ALA A 123 -4.48 19.53 -9.76
CA ALA A 123 -5.93 19.36 -9.95
C ALA A 123 -6.74 20.67 -10.14
N GLY A 124 -6.09 21.83 -10.05
CA GLY A 124 -6.74 23.13 -10.33
C GLY A 124 -7.42 23.75 -9.11
N SER A 125 -7.95 22.91 -8.24
CA SER A 125 -8.41 23.37 -6.93
C SER A 125 -8.26 22.26 -5.92
N GLN A 126 -8.24 22.62 -4.64
CA GLN A 126 -8.28 21.66 -3.54
C GLN A 126 -9.52 20.77 -3.57
N ASP A 127 -10.68 21.35 -3.81
CA ASP A 127 -11.93 20.60 -3.88
C ASP A 127 -11.84 19.51 -4.94
N ALA A 128 -11.30 19.86 -6.10
CA ALA A 128 -11.15 18.93 -7.22
C ALA A 128 -10.14 17.84 -6.84
N PHE A 129 -9.05 18.22 -6.18
CA PHE A 129 -8.02 17.27 -5.79
C PHE A 129 -8.60 16.26 -4.83
N VAL A 130 -9.40 16.73 -3.87
CA VAL A 130 -10.11 15.84 -2.95
C VAL A 130 -11.06 14.92 -3.72
N GLY A 131 -11.70 15.44 -4.76
CA GLY A 131 -12.47 14.60 -5.69
C GLY A 131 -11.64 13.39 -6.09
N LEU A 132 -10.43 13.64 -6.56
CA LEU A 132 -9.50 12.60 -6.97
C LEU A 132 -9.13 11.67 -5.81
N MET A 133 -8.84 12.23 -4.64
CA MET A 133 -8.53 11.41 -3.47
C MET A 133 -9.63 10.39 -3.21
N ASN A 134 -10.88 10.83 -3.18
CA ASN A 134 -12.01 9.92 -2.96
C ASN A 134 -12.27 8.99 -4.14
N SER A 135 -11.89 9.41 -5.34
CA SER A 135 -12.03 8.51 -6.49
C SER A 135 -11.16 7.28 -6.30
N TYR A 136 -9.94 7.50 -5.79
CA TYR A 136 -8.96 6.44 -5.56
C TYR A 136 -9.31 5.62 -4.33
N VAL A 137 -10.04 6.24 -3.41
CA VAL A 137 -10.65 5.49 -2.31
C VAL A 137 -11.68 4.50 -2.88
N ASN A 138 -12.45 4.93 -3.86
CA ASN A 138 -13.35 4.02 -4.54
C ASN A 138 -12.64 2.91 -5.33
N ALA A 139 -11.60 3.27 -6.07
CA ALA A 139 -10.93 2.33 -6.95
C ALA A 139 -10.11 1.27 -6.23
N LEU A 140 -9.60 1.61 -5.06
CA LEU A 140 -8.86 0.63 -4.22
C LEU A 140 -9.81 -0.19 -3.36
N GLY A 141 -11.09 0.17 -3.36
CA GLY A 141 -12.12 -0.64 -2.73
C GLY A 141 -12.17 -0.51 -1.22
N LEU A 142 -11.74 0.64 -0.70
CA LEU A 142 -11.72 0.87 0.75
C LEU A 142 -13.12 1.17 1.22
N LYS A 143 -13.54 0.49 2.28
CA LYS A 143 -14.91 0.57 2.77
C LYS A 143 -15.12 1.50 3.97
N ASN A 144 -14.02 2.05 4.52
CA ASN A 144 -14.07 2.85 5.73
C ASN A 144 -13.10 4.04 5.66
N THR A 145 -13.09 4.74 4.53
CA THR A 145 -12.21 5.89 4.31
C THR A 145 -12.94 6.97 3.52
N HIS A 146 -12.85 8.22 3.98
CA HIS A 146 -13.37 9.37 3.26
C HIS A 146 -12.54 10.64 3.53
N PHE A 147 -12.18 11.37 2.48
CA PHE A 147 -11.36 12.57 2.63
C PHE A 147 -12.18 13.83 2.37
N GLN A 148 -11.80 14.94 3.02
CA GLN A 148 -12.52 16.19 2.90
C GLN A 148 -11.59 17.33 2.57
N THR A 149 -10.34 17.23 3.01
CA THR A 149 -9.34 18.26 2.69
C THR A 149 -8.03 17.63 2.24
N VAL A 150 -7.19 18.43 1.60
CA VAL A 150 -5.97 17.91 0.95
C VAL A 150 -4.87 17.51 1.91
N HIS A 151 -4.96 18.03 3.14
CA HIS A 151 -3.94 17.91 4.19
C HIS A 151 -4.44 17.10 5.37
N GLY A 152 -5.74 17.09 5.57
CA GLY A 152 -6.32 16.40 6.69
C GLY A 152 -6.59 17.32 7.87
N LEU A 153 -6.34 18.62 7.66
CA LEU A 153 -6.78 19.64 8.62
C LEU A 153 -8.16 20.06 8.20
N ASP A 154 -8.88 20.66 9.14
CA ASP A 154 -10.21 21.18 8.90
C ASP A 154 -11.16 20.15 8.23
N ALA A 155 -11.14 18.92 8.75
CA ALA A 155 -11.96 17.85 8.20
C ALA A 155 -12.64 17.01 9.29
N ASP A 156 -13.75 17.55 9.79
CA ASP A 156 -14.57 16.95 10.83
C ASP A 156 -15.16 15.60 10.38
N GLY A 157 -15.25 15.39 9.08
CA GLY A 157 -15.94 14.21 8.54
C GLY A 157 -15.06 13.37 7.63
N GLN A 158 -13.74 13.49 7.81
CA GLN A 158 -12.75 12.63 7.17
C GLN A 158 -12.58 11.42 8.09
N TYR A 159 -12.23 10.29 7.51
CA TYR A 159 -11.89 9.13 8.31
C TYR A 159 -11.09 8.12 7.51
N SER A 160 -10.47 7.21 8.24
CA SER A 160 -9.91 6.01 7.67
C SER A 160 -9.68 4.98 8.78
N SER A 161 -9.06 3.87 8.43
CA SER A 161 -8.88 2.75 9.34
C SER A 161 -7.52 2.12 9.13
N ALA A 162 -7.12 1.30 10.09
CA ALA A 162 -5.82 0.63 10.07
C ALA A 162 -5.67 -0.14 8.76
N ARG A 163 -6.74 -0.84 8.36
CA ARG A 163 -6.74 -1.69 7.16
C ARG A 163 -6.60 -0.82 5.93
N ASP A 164 -7.48 0.17 5.79
CA ASP A 164 -7.44 1.04 4.62
C ASP A 164 -6.14 1.80 4.50
N MET A 165 -5.59 2.30 5.61
CA MET A 165 -4.31 2.99 5.60
C MET A 165 -3.15 2.06 5.20
N ALA A 166 -3.24 0.80 5.62
CA ALA A 166 -2.29 -0.24 5.13
C ALA A 166 -2.45 -0.49 3.64
N LEU A 167 -3.68 -0.50 3.17
CA LEU A 167 -3.94 -0.75 1.76
C LEU A 167 -3.51 0.46 0.93
N ILE A 168 -3.53 1.65 1.54
CA ILE A 168 -3.09 2.88 0.87
C ILE A 168 -1.56 2.78 0.67
N GLY A 169 -0.87 2.20 1.65
CA GLY A 169 0.59 2.01 1.60
C GLY A 169 0.98 0.98 0.59
N GLN A 170 0.19 -0.09 0.49
CA GLN A 170 0.41 -1.11 -0.53
C GLN A 170 0.29 -0.52 -1.94
N ALA A 171 -0.71 0.32 -2.12
CA ALA A 171 -0.96 0.96 -3.40
C ALA A 171 0.15 1.97 -3.79
N LEU A 172 0.53 2.84 -2.87
CA LEU A 172 1.71 3.68 -3.01
C LEU A 172 2.93 2.90 -3.53
N ILE A 173 3.31 1.87 -2.78
CA ILE A 173 4.42 1.01 -3.14
C ILE A 173 4.24 0.39 -4.54
N ARG A 174 3.08 -0.22 -4.75
CA ARG A 174 2.79 -1.01 -5.96
C ARG A 174 2.59 -0.15 -7.20
N ASP A 175 1.86 0.96 -7.07
CA ASP A 175 1.35 1.68 -8.25
C ASP A 175 2.21 2.88 -8.61
N VAL A 176 2.78 3.52 -7.59
CA VAL A 176 3.58 4.73 -7.77
C VAL A 176 4.96 4.63 -7.08
N PRO A 177 5.82 3.69 -7.55
CA PRO A 177 7.08 3.33 -6.88
C PRO A 177 8.12 4.45 -6.81
N ASN A 178 8.13 5.36 -7.78
CA ASN A 178 9.04 6.51 -7.75
C ASN A 178 8.56 7.54 -6.74
N GLU A 179 7.26 7.52 -6.48
CA GLU A 179 6.67 8.39 -5.46
C GLU A 179 6.97 7.77 -4.09
N TYR A 180 6.88 6.45 -3.99
CA TYR A 180 7.12 5.73 -2.75
C TYR A 180 8.56 5.84 -2.31
N SER A 181 9.50 5.87 -3.24
CA SER A 181 10.92 5.74 -2.87
C SER A 181 11.50 7.03 -2.29
N ILE A 182 10.62 8.00 -2.03
CA ILE A 182 10.97 9.30 -1.51
C ILE A 182 10.83 9.22 0.00
N TYR A 183 9.97 8.33 0.46
CA TYR A 183 9.65 8.21 1.89
C TYR A 183 10.82 7.73 2.76
N LYS A 184 11.77 7.02 2.14
CA LYS A 184 12.96 6.49 2.83
C LYS A 184 14.02 7.54 3.07
N GLU A 185 13.99 8.63 2.30
CA GLU A 185 14.92 9.75 2.45
C GLU A 185 14.83 10.38 3.84
N LYS A 186 15.99 10.52 4.49
CA LYS A 186 16.03 10.88 5.92
C LYS A 186 15.93 12.38 6.17
N GLU A 187 16.32 13.16 5.16
CA GLU A 187 16.36 14.62 5.28
C GLU A 187 16.23 15.25 3.91
N PHE A 188 15.72 16.47 3.86
CA PHE A 188 15.78 17.31 2.65
C PHE A 188 15.87 18.76 3.08
N THR A 189 16.24 19.63 2.15
CA THR A 189 16.51 21.03 2.50
C THR A 189 15.64 22.00 1.73
N PHE A 190 14.94 22.87 2.46
CA PHE A 190 14.20 23.97 1.85
C PHE A 190 14.50 25.30 2.54
N ASN A 191 15.05 26.22 1.75
CA ASN A 191 15.30 27.59 2.18
C ASN A 191 16.26 27.67 3.38
N GLY A 192 17.44 27.09 3.19
CA GLY A 192 18.53 27.17 4.17
C GLY A 192 18.37 26.40 5.47
N ILE A 193 17.22 25.72 5.61
CA ILE A 193 16.98 24.83 6.77
C ILE A 193 16.92 23.37 6.31
N ARG A 194 17.57 22.49 7.06
CA ARG A 194 17.50 21.05 6.82
C ARG A 194 16.34 20.47 7.63
N GLN A 195 15.57 19.59 6.99
CA GLN A 195 14.35 19.05 7.58
C GLN A 195 14.41 17.55 7.67
N LEU A 196 14.33 17.02 8.89
CA LEU A 196 14.38 15.58 9.10
C LEU A 196 13.03 14.90 8.92
N ASN A 197 13.04 13.79 8.18
CA ASN A 197 11.95 12.80 8.12
C ASN A 197 11.51 12.42 9.53
N ARG A 198 10.22 12.51 9.79
CA ARG A 198 9.66 12.21 11.13
C ARG A 198 9.46 10.71 11.40
N ASN A 199 9.61 9.86 10.39
CA ASN A 199 9.60 8.41 10.61
C ASN A 199 10.95 7.93 11.15
N GLY A 200 11.05 7.82 12.48
CA GLY A 200 12.31 7.52 13.15
C GLY A 200 12.70 6.04 13.11
N LEU A 201 11.82 5.22 12.53
CA LEU A 201 12.08 3.81 12.30
C LEU A 201 13.05 3.62 11.13
N LEU A 202 13.24 4.68 10.34
CA LEU A 202 14.23 4.72 9.26
C LEU A 202 15.65 4.53 9.79
N TRP A 203 15.89 5.03 11.00
CA TRP A 203 17.18 4.99 11.69
C TRP A 203 17.36 3.73 12.51
N ASP A 204 16.39 2.83 12.50
CA ASP A 204 16.48 1.59 13.25
C ASP A 204 17.36 0.62 12.46
N ASN A 205 18.47 0.22 13.08
CA ASN A 205 19.50 -0.52 12.37
C ASN A 205 19.28 -2.02 12.33
N SER A 206 18.31 -2.52 13.11
CA SER A 206 17.92 -3.94 13.06
C SER A 206 16.99 -4.29 11.89
N LEU A 207 16.09 -3.36 11.52
CA LEU A 207 15.13 -3.54 10.41
C LEU A 207 15.52 -2.78 9.13
N ASN A 208 14.83 -3.12 8.04
CA ASN A 208 14.97 -2.40 6.78
C ASN A 208 13.68 -1.61 6.51
N VAL A 209 13.44 -0.60 7.33
CA VAL A 209 12.32 0.30 7.16
C VAL A 209 12.60 1.35 6.08
N ASP A 210 11.62 1.56 5.21
CA ASP A 210 11.77 2.53 4.11
C ASP A 210 10.55 3.39 3.85
N GLY A 211 9.56 3.27 4.75
CA GLY A 211 8.31 4.01 4.72
C GLY A 211 7.53 3.70 6.00
N ILE A 212 6.33 4.25 6.18
CA ILE A 212 5.72 5.17 5.21
C ILE A 212 5.38 6.54 5.83
N LYS A 213 4.50 6.55 6.83
CA LYS A 213 3.95 7.80 7.30
C LYS A 213 3.61 7.77 8.77
N THR A 214 3.93 8.88 9.42
CA THR A 214 3.73 9.13 10.84
C THR A 214 2.60 10.17 11.00
N GLY A 215 1.94 10.19 12.15
CA GLY A 215 0.82 11.11 12.36
C GLY A 215 0.37 11.18 13.81
N HIS A 216 -0.03 12.37 14.26
CA HIS A 216 -0.48 12.57 15.63
C HIS A 216 -1.33 13.81 15.75
N THR A 217 -2.47 13.66 16.42
CA THR A 217 -3.29 14.75 16.95
C THR A 217 -3.80 14.26 18.31
N ASP A 218 -4.33 15.16 19.14
CA ASP A 218 -4.86 14.76 20.44
C ASP A 218 -6.07 13.85 20.28
N LYS A 219 -6.93 14.18 19.32
CA LYS A 219 -8.10 13.37 19.00
C LYS A 219 -7.70 11.98 18.46
N ALA A 220 -6.68 11.97 17.60
CA ALA A 220 -6.27 10.75 16.89
C ALA A 220 -5.23 9.88 17.60
N GLY A 221 -4.45 10.45 18.53
CA GLY A 221 -3.35 9.71 19.16
C GLY A 221 -2.21 9.59 18.17
N TYR A 222 -1.33 8.60 18.37
CA TYR A 222 -0.17 8.40 17.49
C TYR A 222 -0.45 7.38 16.40
N ASN A 223 -0.24 7.80 15.15
CA ASN A 223 -0.40 6.92 14.00
C ASN A 223 0.94 6.67 13.32
N LEU A 224 1.13 5.44 12.86
CA LEU A 224 2.25 5.10 12.00
C LEU A 224 1.82 4.03 11.04
N VAL A 225 2.23 4.19 9.79
CA VAL A 225 2.14 3.15 8.76
C VAL A 225 3.58 2.91 8.36
N ALA A 226 4.11 1.74 8.71
CA ALA A 226 5.49 1.40 8.37
C ALA A 226 5.51 0.28 7.32
N SER A 227 6.61 0.21 6.57
CA SER A 227 6.84 -0.95 5.70
C SER A 227 8.30 -1.31 5.79
N ALA A 228 8.60 -2.60 5.68
CA ALA A 228 9.95 -3.10 5.87
C ALA A 228 10.20 -4.33 5.00
N THR A 229 11.46 -4.56 4.70
CA THR A 229 11.86 -5.70 3.89
C THR A 229 12.83 -6.63 4.60
N GLU A 230 12.86 -7.87 4.14
CA GLU A 230 13.79 -8.88 4.57
C GLU A 230 13.97 -9.80 3.35
N GLY A 231 14.75 -9.32 2.38
CA GLY A 231 14.94 -10.06 1.13
C GLY A 231 13.67 -10.21 0.30
N GLN A 232 13.15 -11.44 0.24
CA GLN A 232 11.96 -11.77 -0.57
C GLN A 232 10.63 -11.41 0.11
N MET A 233 10.68 -10.47 1.06
CA MET A 233 9.52 -10.23 1.91
C MET A 233 9.39 -8.81 2.38
N ARG A 234 8.22 -8.24 2.08
CA ARG A 234 7.88 -6.91 2.49
C ARG A 234 6.58 -6.99 3.28
N LEU A 235 6.61 -6.38 4.47
CA LEU A 235 5.47 -6.32 5.35
C LEU A 235 5.04 -4.86 5.44
N ILE A 236 3.77 -4.62 5.75
CA ILE A 236 3.26 -3.27 6.00
C ILE A 236 2.42 -3.34 7.26
N SER A 237 2.65 -2.43 8.20
CA SER A 237 1.81 -2.34 9.41
C SER A 237 1.12 -0.97 9.49
N ALA A 238 -0.11 -0.95 10.01
CA ALA A 238 -0.76 0.31 10.35
C ALA A 238 -1.16 0.27 11.83
N VAL A 239 -0.61 1.19 12.59
CA VAL A 239 -0.93 1.33 14.00
C VAL A 239 -1.60 2.69 14.18
N MET A 240 -2.82 2.68 14.70
CA MET A 240 -3.58 3.89 14.82
C MET A 240 -4.07 4.04 16.24
N GLY A 241 -4.04 5.27 16.73
CA GLY A 241 -4.33 5.54 18.13
C GLY A 241 -3.28 4.97 19.06
N GLY A 242 -2.02 5.03 18.66
CA GLY A 242 -0.94 4.77 19.59
C GLY A 242 -1.16 5.64 20.81
N ARG A 243 -1.14 5.03 21.99
CA ARG A 243 -1.53 5.72 23.23
C ARG A 243 -0.42 6.56 23.85
N THR A 244 0.83 6.23 23.54
CA THR A 244 1.94 6.91 24.19
C THR A 244 2.99 7.42 23.20
N PHE A 245 3.80 8.38 23.64
CA PHE A 245 4.97 8.81 22.90
C PHE A 245 5.97 7.66 22.93
N LYS A 246 6.90 7.64 21.97
CA LYS A 246 7.97 6.61 21.84
C LYS A 246 7.44 5.21 21.51
N GLY A 247 6.33 4.84 22.15
CA GLY A 247 5.59 3.64 21.84
C GLY A 247 5.11 3.66 20.41
N ARG A 248 5.09 4.86 19.82
CA ARG A 248 4.76 5.08 18.42
C ARG A 248 5.50 4.11 17.48
N GLU A 249 6.82 4.14 17.57
CA GLU A 249 7.69 3.32 16.74
C GLU A 249 7.86 1.94 17.30
N ALA A 250 7.77 1.82 18.62
CA ALA A 250 8.04 0.54 19.31
C ALA A 250 6.99 -0.52 19.03
N GLU A 251 5.72 -0.12 19.13
CA GLU A 251 4.60 -1.04 18.91
C GLU A 251 4.61 -1.58 17.49
N SER A 252 4.95 -0.72 16.53
CA SER A 252 5.10 -1.12 15.14
C SER A 252 6.28 -2.06 14.96
N LYS A 253 7.42 -1.71 15.53
CA LYS A 253 8.60 -2.55 15.47
C LYS A 253 8.30 -3.98 15.95
N LYS A 254 7.53 -4.10 17.05
CA LYS A 254 6.99 -5.39 17.57
C LYS A 254 6.29 -6.25 16.50
N LEU A 255 5.35 -5.63 15.79
CA LEU A 255 4.51 -6.27 14.80
C LEU A 255 5.28 -6.77 13.62
N LEU A 256 6.24 -5.96 13.15
CA LEU A 256 7.01 -6.30 11.96
C LEU A 256 7.97 -7.43 12.26
N THR A 257 8.85 -7.22 13.24
CA THR A 257 9.74 -8.26 13.75
C THR A 257 9.07 -9.64 13.92
N TRP A 258 7.89 -9.66 14.54
CA TRP A 258 7.06 -10.83 14.76
C TRP A 258 6.61 -11.48 13.45
N GLY A 259 6.19 -10.65 12.48
CA GLY A 259 5.76 -11.14 11.18
C GLY A 259 6.88 -11.78 10.39
N PHE A 260 8.11 -11.25 10.53
CA PHE A 260 9.29 -11.79 9.83
C PHE A 260 9.82 -13.02 10.56
N ARG A 261 9.61 -13.10 11.87
CA ARG A 261 10.03 -14.28 12.62
C ARG A 261 9.12 -15.44 12.33
N PHE A 262 7.82 -15.19 12.28
CA PHE A 262 6.91 -16.33 12.19
C PHE A 262 6.36 -16.66 10.79
N PHE A 263 6.51 -15.74 9.85
CA PHE A 263 6.00 -15.95 8.50
C PHE A 263 7.05 -15.69 7.43
N GLU A 264 6.83 -16.30 6.25
CA GLU A 264 7.62 -16.03 5.04
C GLU A 264 6.73 -16.08 3.79
N THR A 265 7.04 -15.23 2.81
CA THR A 265 6.29 -15.15 1.57
C THR A 265 7.00 -15.92 0.47
N VAL A 266 6.22 -16.71 -0.27
CA VAL A 266 6.70 -17.57 -1.34
C VAL A 266 5.99 -17.23 -2.63
N ASN A 267 6.70 -17.46 -3.74
CA ASN A 267 6.16 -17.29 -5.08
C ASN A 267 6.21 -18.62 -5.80
N PRO A 268 5.19 -19.49 -5.57
CA PRO A 268 5.11 -20.80 -6.22
C PRO A 268 4.93 -20.82 -7.75
N LEU A 269 4.44 -19.73 -8.33
CA LEU A 269 4.00 -19.72 -9.72
C LEU A 269 3.88 -18.30 -10.24
N LYS A 270 4.49 -18.03 -11.39
CA LYS A 270 4.40 -16.73 -12.06
C LYS A 270 3.49 -16.79 -13.28
N VAL A 271 2.98 -15.63 -13.71
CA VAL A 271 2.15 -15.57 -14.91
C VAL A 271 2.84 -16.24 -16.10
N GLY A 272 2.05 -17.00 -16.87
CA GLY A 272 2.52 -17.60 -18.12
C GLY A 272 3.18 -18.95 -18.01
N LYS A 273 3.59 -19.33 -16.79
CA LYS A 273 4.27 -20.59 -16.55
C LYS A 273 3.22 -21.68 -16.42
N GLU A 274 3.47 -22.82 -17.06
CA GLU A 274 2.50 -23.89 -17.08
C GLU A 274 2.48 -24.70 -15.78
N PHE A 275 1.35 -24.62 -15.07
CA PHE A 275 1.07 -25.43 -13.87
C PHE A 275 0.50 -26.80 -14.22
N ALA A 276 -0.35 -26.81 -15.26
CA ALA A 276 -1.14 -27.98 -15.61
C ALA A 276 -1.36 -28.01 -17.10
N SER A 277 -1.81 -29.16 -17.59
CA SER A 277 -2.13 -29.32 -19.01
C SER A 277 -3.36 -30.25 -19.18
N GLU A 278 -4.33 -29.85 -19.99
CA GLU A 278 -5.55 -30.64 -20.16
C GLU A 278 -5.88 -30.78 -21.63
N PRO A 279 -6.49 -31.91 -22.03
CA PRO A 279 -6.97 -32.07 -23.41
C PRO A 279 -8.03 -31.04 -23.78
N VAL A 280 -8.04 -30.62 -25.05
CA VAL A 280 -9.03 -29.66 -25.55
C VAL A 280 -9.72 -30.23 -26.78
N TRP A 281 -11.01 -29.95 -26.91
CA TRP A 281 -11.81 -30.43 -28.04
C TRP A 281 -12.06 -29.31 -29.03
N PHE A 282 -11.85 -29.61 -30.32
CA PHE A 282 -12.14 -28.69 -31.43
C PHE A 282 -11.06 -27.63 -31.69
N GLY A 283 -9.85 -27.84 -31.17
CA GLY A 283 -8.80 -26.82 -31.27
C GLY A 283 -7.76 -26.98 -32.37
N ASP A 284 -6.88 -25.98 -32.51
CA ASP A 284 -5.72 -26.13 -33.39
C ASP A 284 -4.54 -26.78 -32.66
N SER A 285 -4.78 -27.15 -31.40
CA SER A 285 -3.84 -27.92 -30.60
C SER A 285 -4.66 -28.94 -29.80
N ASP A 286 -4.02 -30.06 -29.44
CA ASP A 286 -4.68 -31.14 -28.72
C ASP A 286 -4.79 -30.89 -27.21
N ARG A 287 -4.06 -29.88 -26.69
CA ARG A 287 -3.98 -29.61 -25.25
C ARG A 287 -3.87 -28.12 -24.91
N ALA A 288 -4.54 -27.71 -23.83
CA ALA A 288 -4.43 -26.34 -23.28
C ALA A 288 -3.40 -26.25 -22.18
N SER A 289 -2.69 -25.12 -22.12
CA SER A 289 -1.68 -24.85 -21.09
C SER A 289 -2.35 -24.05 -19.99
N LEU A 290 -2.31 -24.56 -18.76
CA LEU A 290 -3.10 -23.94 -17.69
C LEU A 290 -2.20 -23.37 -16.61
N GLY A 291 -2.50 -22.16 -16.18
CA GLY A 291 -1.73 -21.52 -15.11
C GLY A 291 -2.53 -20.40 -14.47
N VAL A 292 -1.89 -19.26 -14.29
CA VAL A 292 -2.49 -18.06 -13.66
C VAL A 292 -2.30 -16.77 -14.49
N ASP A 293 -3.14 -15.77 -14.25
CA ASP A 293 -2.99 -14.49 -14.93
C ASP A 293 -2.33 -13.41 -14.07
N LYS A 294 -1.64 -13.85 -13.02
CA LYS A 294 -1.04 -12.97 -12.02
C LYS A 294 -0.23 -13.83 -11.06
N ASP A 295 1.02 -13.43 -10.86
CA ASP A 295 1.91 -14.17 -9.97
C ASP A 295 1.24 -14.41 -8.64
N VAL A 296 1.48 -15.61 -8.14
CA VAL A 296 0.87 -16.08 -6.91
C VAL A 296 1.91 -15.89 -5.81
N TYR A 297 1.52 -15.15 -4.78
CA TYR A 297 2.33 -15.02 -3.59
C TYR A 297 1.49 -15.46 -2.43
N LEU A 298 2.07 -16.32 -1.60
CA LEU A 298 1.42 -16.86 -0.42
C LEU A 298 2.27 -16.56 0.77
N THR A 299 1.61 -16.19 1.87
CA THR A 299 2.25 -16.10 3.18
C THR A 299 1.87 -17.33 3.98
N ILE A 300 2.91 -18.03 4.41
CA ILE A 300 2.80 -19.32 5.05
C ILE A 300 3.71 -19.24 6.27
N PRO A 301 3.50 -20.12 7.28
CA PRO A 301 4.36 -20.12 8.46
C PRO A 301 5.82 -20.32 8.05
N ARG A 302 6.74 -19.53 8.61
CA ARG A 302 8.15 -19.60 8.24
C ARG A 302 8.74 -21.01 8.35
N GLY A 303 9.37 -21.46 7.27
CA GLY A 303 10.09 -22.73 7.27
C GLY A 303 9.31 -23.86 6.61
N ARG A 304 8.09 -23.54 6.20
CA ARG A 304 7.12 -24.55 5.80
C ARG A 304 6.94 -24.68 4.31
N MET A 305 7.84 -24.01 3.57
CA MET A 305 7.88 -24.07 2.12
C MET A 305 8.02 -25.49 1.58
N LYS A 306 8.78 -26.33 2.27
CA LYS A 306 8.99 -27.70 1.81
C LYS A 306 7.73 -28.57 1.81
N ASP A 307 6.78 -28.24 2.70
CA ASP A 307 5.54 -29.00 2.88
C ASP A 307 4.39 -28.46 2.01
N LEU A 308 4.62 -27.36 1.32
CA LEU A 308 3.61 -26.83 0.42
C LEU A 308 3.26 -27.79 -0.73
N LYS A 309 1.98 -28.13 -0.82
CA LYS A 309 1.47 -28.95 -1.91
C LYS A 309 0.52 -28.10 -2.72
N ALA A 310 0.43 -28.38 -4.02
CA ALA A 310 -0.54 -27.73 -4.88
C ALA A 310 -1.21 -28.76 -5.75
N SER A 311 -2.51 -28.59 -5.93
CA SER A 311 -3.35 -29.43 -6.82
C SER A 311 -4.36 -28.52 -7.52
N TYR A 312 -5.15 -29.07 -8.45
CA TYR A 312 -6.19 -28.28 -9.08
C TYR A 312 -7.52 -29.02 -9.27
N VAL A 313 -8.58 -28.23 -9.49
CA VAL A 313 -9.91 -28.76 -9.83
C VAL A 313 -10.40 -28.05 -11.07
N LEU A 314 -11.29 -28.70 -11.79
CA LEU A 314 -11.78 -28.14 -13.04
C LEU A 314 -13.28 -27.96 -12.99
N ASN A 315 -13.73 -26.87 -13.60
CA ASN A 315 -15.13 -26.49 -13.64
C ASN A 315 -15.99 -27.38 -14.52
N SER A 316 -15.43 -27.81 -15.64
CA SER A 316 -16.17 -28.61 -16.59
C SER A 316 -15.40 -29.90 -16.81
N SER A 317 -16.14 -30.96 -17.10
CA SER A 317 -15.59 -32.24 -17.54
C SER A 317 -14.65 -32.07 -18.73
N GLU A 318 -15.08 -31.28 -19.73
CA GLU A 318 -14.31 -31.10 -20.96
C GLU A 318 -14.02 -29.63 -21.28
N LEU A 319 -12.83 -29.36 -21.83
CA LEU A 319 -12.55 -28.05 -22.41
C LEU A 319 -12.92 -28.04 -23.89
N HIS A 320 -13.65 -27.03 -24.33
CA HIS A 320 -13.97 -26.87 -25.76
C HIS A 320 -13.42 -25.56 -26.35
N ALA A 321 -12.67 -25.69 -27.45
CA ALA A 321 -12.21 -24.55 -28.24
C ALA A 321 -13.42 -23.89 -28.87
N PRO A 322 -13.46 -22.55 -28.93
CA PRO A 322 -12.39 -21.59 -28.65
C PRO A 322 -12.22 -21.29 -27.15
N LEU A 323 -10.96 -21.28 -26.71
CA LEU A 323 -10.59 -20.91 -25.35
C LEU A 323 -9.85 -19.59 -25.46
N GLN A 324 -10.36 -18.58 -24.76
CA GLN A 324 -9.74 -17.23 -24.74
C GLN A 324 -8.54 -17.19 -23.81
N LYS A 325 -7.69 -16.17 -23.94
CA LYS A 325 -6.55 -16.03 -23.04
C LYS A 325 -7.11 -15.74 -21.67
N ASN A 326 -6.51 -16.37 -20.65
CA ASN A 326 -6.91 -16.16 -19.24
C ASN A 326 -8.40 -16.42 -18.96
N GLN A 327 -8.95 -17.35 -19.74
CA GLN A 327 -10.26 -17.92 -19.46
C GLN A 327 -10.13 -18.83 -18.24
N VAL A 328 -10.98 -18.59 -17.25
CA VAL A 328 -10.98 -19.31 -15.98
C VAL A 328 -11.65 -20.65 -16.18
N VAL A 329 -10.88 -21.72 -16.00
CA VAL A 329 -11.31 -23.10 -16.24
C VAL A 329 -11.27 -23.96 -14.97
N GLY A 330 -10.98 -23.36 -13.83
CA GLY A 330 -10.73 -24.16 -12.64
C GLY A 330 -10.08 -23.37 -11.54
N THR A 331 -9.54 -24.09 -10.55
CA THR A 331 -9.02 -23.52 -9.33
C THR A 331 -7.78 -24.28 -8.89
N ILE A 332 -6.70 -23.56 -8.60
CA ILE A 332 -5.50 -24.12 -8.01
C ILE A 332 -5.61 -24.05 -6.48
N ASN A 333 -5.46 -25.19 -5.81
CA ASN A 333 -5.46 -25.28 -4.36
C ASN A 333 -4.06 -25.48 -3.84
N PHE A 334 -3.62 -24.58 -2.95
CA PHE A 334 -2.35 -24.72 -2.27
C PHE A 334 -2.64 -25.21 -0.87
N GLN A 335 -2.07 -26.36 -0.52
CA GLN A 335 -2.34 -27.02 0.76
C GLN A 335 -1.12 -27.16 1.66
N LEU A 336 -1.36 -27.09 2.97
CA LEU A 336 -0.39 -27.40 4.02
C LEU A 336 -1.08 -28.26 5.05
N ASP A 337 -0.42 -29.34 5.49
CA ASP A 337 -1.04 -30.33 6.38
C ASP A 337 -2.43 -30.78 5.90
N GLY A 338 -2.54 -31.08 4.60
CA GLY A 338 -3.75 -31.66 4.01
C GLY A 338 -4.92 -30.73 3.95
N LYS A 339 -4.74 -29.48 4.36
CA LYS A 339 -5.81 -28.50 4.35
C LYS A 339 -5.45 -27.38 3.39
N THR A 340 -6.39 -27.05 2.53
CA THR A 340 -6.21 -25.95 1.59
C THR A 340 -6.17 -24.66 2.37
N ILE A 341 -5.05 -23.93 2.20
CA ILE A 341 -4.81 -22.64 2.86
C ILE A 341 -5.04 -21.41 1.96
N GLU A 342 -4.82 -21.60 0.65
CA GLU A 342 -4.94 -20.56 -0.37
C GLU A 342 -5.49 -21.15 -1.67
N GLN A 343 -6.28 -20.37 -2.39
CA GLN A 343 -6.83 -20.77 -3.69
C GLN A 343 -6.64 -19.69 -4.73
N ARG A 344 -6.28 -20.07 -5.96
CA ARG A 344 -6.17 -19.11 -7.06
C ARG A 344 -6.85 -19.66 -8.30
N PRO A 345 -7.39 -18.76 -9.17
CA PRO A 345 -8.00 -19.23 -10.41
C PRO A 345 -7.05 -19.93 -11.38
N LEU A 346 -7.54 -21.01 -12.00
CA LEU A 346 -6.82 -21.71 -13.05
C LEU A 346 -7.31 -21.16 -14.38
N VAL A 347 -6.40 -20.65 -15.18
CA VAL A 347 -6.76 -19.96 -16.43
C VAL A 347 -5.97 -20.55 -17.59
N VAL A 348 -6.47 -20.35 -18.81
CA VAL A 348 -5.82 -20.79 -20.03
C VAL A 348 -4.74 -19.77 -20.41
N LEU A 349 -3.48 -20.21 -20.51
CA LEU A 349 -2.34 -19.30 -20.69
C LEU A 349 -2.21 -18.67 -22.08
N GLN A 350 -2.74 -19.37 -23.08
CA GLN A 350 -2.63 -19.00 -24.49
C GLN A 350 -3.91 -19.42 -25.21
N GLU A 351 -4.41 -18.49 -26.01
CA GLU A 351 -5.65 -18.70 -26.75
C GLU A 351 -5.60 -19.98 -27.58
N ILE A 352 -6.73 -20.70 -27.60
CA ILE A 352 -6.90 -21.83 -28.53
C ILE A 352 -8.17 -21.59 -29.30
N PRO A 353 -8.04 -21.15 -30.57
CA PRO A 353 -9.23 -20.93 -31.38
C PRO A 353 -9.68 -22.28 -31.93
N GLU A 354 -10.87 -22.31 -32.56
CA GLU A 354 -11.35 -23.52 -33.22
C GLU A 354 -10.39 -23.94 -34.34
N GLY A 355 -10.29 -25.24 -34.56
CA GLY A 355 -9.41 -25.78 -35.58
C GLY A 355 -9.72 -25.25 -36.96
N ASN A 356 -8.66 -24.81 -37.64
CA ASN A 356 -8.72 -24.35 -39.03
C ASN A 356 -7.72 -25.14 -39.88
N PHE A 357 -8.26 -25.82 -40.90
CA PHE A 357 -7.46 -26.69 -41.77
C PHE A 357 -7.78 -26.43 -43.24
O11 HJ3 B . -0.64 18.79 12.24
C10 HJ3 B . -0.63 17.97 13.16
CA1 HJ3 B . -1.27 18.32 14.48
CB1 HJ3 B . -0.32 18.11 15.64
N9 HJ3 B . -0.05 16.76 13.04
C6 HJ3 B . 0.58 16.34 11.78
C7 HJ3 B . 0.02 15.04 11.28
O8 HJ3 B . -0.53 14.22 12.04
C5 HJ3 B . 2.12 16.23 11.85
S1 HJ3 B . 2.81 17.29 13.10
N4 HJ3 B . 2.57 14.89 12.16
C3 HJ3 B . 2.91 14.66 13.56
C12 HJ3 B . 3.70 13.39 13.82
O14 HJ3 B . 3.25 12.58 14.65
O13 HJ3 B . 4.75 13.13 13.18
C2 HJ3 B . 3.46 15.98 14.11
C16 HJ3 B . 2.96 16.16 15.55
C15 HJ3 B . 4.99 16.07 14.13
C1 GOL C . -15.45 8.08 0.14
O1 GOL C . -15.59 9.33 -0.52
C2 GOL C . -16.30 7.06 -0.59
O2 GOL C . -16.28 7.33 -1.98
C3 GOL C . -17.73 7.08 -0.02
O3 GOL C . -18.68 7.42 -1.01
#